data_3UV9
#
_entry.id   3UV9
#
_cell.length_a   86.570
_cell.length_b   86.570
_cell.length_c   77.338
_cell.angle_alpha   90.00
_cell.angle_beta   90.00
_cell.angle_gamma   120.00
#
_symmetry.space_group_name_H-M   'H 3'
#
loop_
_entity.id
_entity.type
_entity.pdbx_description
1 polymer 'Tripartite motif-containing protein 5'
2 water water
#
_entity_poly.entity_id   1
_entity_poly.type   'polypeptide(L)'
_entity_poly.pdbx_seq_one_letter_code
;GTELTDARRYWVDVTLATNNISHAVIAEDKRQVSSRAGTGVLGSQSITSGKHYWEVDVSKKSAWILGVCAGFQSDAMYNI
EQNENYQPKYGYWVIGLQEGVKYSVFQDGSSHTPFAPFIVPLSVIICPDRVGVFVDYEACTVSFFNITNHGFLIYKFSQC
SFSKPVFPYLNPRKCTVPMTLCSPSS
;
_entity_poly.pdbx_strand_id   A
#
# COMPACT_ATOMS: atom_id res chain seq x y z
N THR A 2 26.47 -28.11 -24.73
CA THR A 2 26.72 -29.52 -25.03
C THR A 2 26.10 -30.44 -23.99
N GLU A 3 26.52 -30.29 -22.73
CA GLU A 3 25.89 -30.99 -21.63
C GLU A 3 24.45 -30.49 -21.54
N LEU A 4 24.27 -29.18 -21.72
CA LEU A 4 22.95 -28.58 -21.71
C LEU A 4 22.14 -29.02 -22.92
N THR A 5 22.76 -28.97 -24.10
CA THR A 5 22.10 -29.39 -25.33
C THR A 5 21.60 -30.83 -25.22
N ASP A 6 22.42 -31.70 -24.64
CA ASP A 6 22.02 -33.07 -24.41
C ASP A 6 20.84 -33.14 -23.43
N ALA A 7 20.93 -32.40 -22.35
CA ALA A 7 19.87 -32.39 -21.34
C ALA A 7 18.54 -31.96 -21.94
N ARG A 8 18.59 -30.96 -22.82
CA ARG A 8 17.39 -30.39 -23.41
C ARG A 8 16.62 -31.37 -24.31
N ARG A 9 17.27 -32.46 -24.68
CA ARG A 9 16.59 -33.49 -25.46
C ARG A 9 15.46 -34.10 -24.65
N TYR A 10 15.53 -33.92 -23.33
CA TYR A 10 14.58 -34.54 -22.42
C TYR A 10 13.69 -33.49 -21.76
N TRP A 11 13.52 -32.37 -22.45
CA TRP A 11 12.64 -31.31 -21.98
C TRP A 11 11.23 -31.84 -21.78
N VAL A 12 10.68 -31.64 -20.58
CA VAL A 12 9.33 -32.07 -20.27
C VAL A 12 8.45 -30.88 -19.88
N ASP A 13 7.14 -31.03 -20.06
CA ASP A 13 6.19 -29.96 -19.78
C ASP A 13 5.73 -29.98 -18.33
N VAL A 14 6.41 -29.22 -17.48
CA VAL A 14 6.09 -29.22 -16.06
C VAL A 14 5.01 -28.20 -15.75
N THR A 15 3.96 -28.64 -15.05
CA THR A 15 3.00 -27.72 -14.46
C THR A 15 2.97 -27.96 -12.96
N LEU A 16 2.58 -26.93 -12.21
CA LEU A 16 2.62 -27.01 -10.76
C LEU A 16 1.34 -27.57 -10.16
N ALA A 17 1.50 -28.23 -9.02
CA ALA A 17 0.37 -28.72 -8.25
C ALA A 17 0.03 -27.72 -7.16
N THR A 18 -1.25 -27.37 -7.04
CA THR A 18 -1.70 -26.62 -5.88
C THR A 18 -1.64 -27.56 -4.68
N ASN A 19 -1.11 -27.06 -3.57
CA ASN A 19 -1.02 -27.84 -2.35
C ASN A 19 -1.64 -27.06 -1.20
N ASN A 20 -1.88 -27.73 -0.08
CA ASN A 20 -2.44 -26.94 1.01
C ASN A 20 -1.55 -26.90 2.25
N ILE A 21 -0.27 -26.75 1.94
CA ILE A 21 0.75 -26.60 2.94
C ILE A 21 1.55 -25.31 2.70
N SER A 22 1.41 -24.72 1.52
CA SER A 22 2.17 -23.51 1.16
C SER A 22 1.35 -22.21 1.17
N HIS A 23 2.03 -21.12 1.49
CA HIS A 23 1.47 -19.78 1.32
C HIS A 23 1.77 -19.30 -0.10
N ALA A 24 2.31 -20.18 -0.93
CA ALA A 24 2.64 -19.82 -2.32
C ALA A 24 1.39 -19.57 -3.14
N VAL A 25 1.50 -18.67 -4.10
CA VAL A 25 0.41 -18.36 -5.02
C VAL A 25 0.74 -18.87 -6.41
N ILE A 26 -0.04 -19.83 -6.89
CA ILE A 26 0.18 -20.43 -8.20
C ILE A 26 -0.79 -19.83 -9.21
N ALA A 27 -0.26 -19.38 -10.36
CA ALA A 27 -1.09 -18.79 -11.41
C ALA A 27 -2.12 -19.78 -11.94
N GLU A 28 -3.18 -19.27 -12.55
CA GLU A 28 -4.24 -20.14 -13.08
C GLU A 28 -3.71 -21.24 -13.99
N ASP A 29 -2.73 -20.91 -14.85
CA ASP A 29 -2.21 -21.88 -15.81
C ASP A 29 -1.17 -22.83 -15.21
N LYS A 30 -0.92 -22.69 -13.91
CA LYS A 30 -0.04 -23.61 -13.17
C LYS A 30 1.42 -23.57 -13.63
N ARG A 31 1.83 -22.48 -14.27
CA ARG A 31 3.20 -22.40 -14.79
C ARG A 31 4.00 -21.27 -14.16
N GLN A 32 3.44 -20.65 -13.14
CA GLN A 32 4.06 -19.53 -12.48
C GLN A 32 3.70 -19.57 -11.01
N VAL A 33 4.64 -19.22 -10.14
CA VAL A 33 4.40 -19.17 -8.70
C VAL A 33 5.11 -17.96 -8.09
N SER A 34 4.48 -17.35 -7.08
CA SER A 34 5.10 -16.24 -6.39
C SER A 34 4.70 -16.21 -4.92
N SER A 35 5.33 -15.30 -4.17
CA SER A 35 5.04 -15.15 -2.76
CA SER A 35 5.01 -15.14 -2.75
C SER A 35 4.05 -14.00 -2.52
N ARG A 36 3.36 -14.05 -1.39
CA ARG A 36 2.54 -12.94 -0.93
CA ARG A 36 2.54 -12.95 -0.91
C ARG A 36 3.36 -12.07 0.01
N ALA A 37 3.12 -10.77 -0.03
CA ALA A 37 3.80 -9.84 0.86
C ALA A 37 2.79 -8.86 1.45
N GLY A 38 2.79 -8.76 2.77
CA GLY A 38 1.98 -7.79 3.46
C GLY A 38 0.50 -7.95 3.26
N THR A 39 -0.23 -6.89 3.55
CA THR A 39 -1.68 -6.93 3.58
C THR A 39 -2.24 -5.67 2.92
N GLY A 40 -1.47 -5.08 2.02
CA GLY A 40 -1.91 -3.90 1.29
C GLY A 40 -2.84 -4.27 0.14
N VAL A 41 -3.88 -3.47 -0.05
CA VAL A 41 -4.81 -3.67 -1.14
C VAL A 41 -5.09 -2.34 -1.86
N LEU A 42 -5.42 -2.43 -3.14
CA LEU A 42 -5.69 -1.23 -3.94
C LEU A 42 -7.15 -1.15 -4.34
N GLY A 43 -7.63 0.07 -4.56
CA GLY A 43 -8.91 0.27 -5.22
C GLY A 43 -8.86 -0.31 -6.62
N SER A 44 -10.02 -0.66 -7.16
CA SER A 44 -10.10 -1.34 -8.44
C SER A 44 -9.97 -0.41 -9.65
N GLN A 45 -10.13 0.89 -9.42
CA GLN A 45 -10.12 1.84 -10.53
C GLN A 45 -8.99 2.84 -10.41
N SER A 46 -8.16 2.92 -11.43
CA SER A 46 -7.06 3.88 -11.39
C SER A 46 -7.55 5.33 -11.47
N ILE A 47 -6.74 6.23 -10.92
CA ILE A 47 -6.97 7.64 -11.00
C ILE A 47 -5.85 8.23 -11.85
N THR A 48 -6.22 8.91 -12.94
CA THR A 48 -5.24 9.52 -13.82
C THR A 48 -5.64 10.94 -14.20
N SER A 49 -6.68 11.44 -13.54
CA SER A 49 -7.12 12.81 -13.77
C SER A 49 -8.14 13.18 -12.72
N GLY A 50 -8.37 14.48 -12.56
CA GLY A 50 -9.46 14.98 -11.74
C GLY A 50 -9.31 14.87 -10.24
N LYS A 51 -10.45 15.02 -9.56
CA LYS A 51 -10.51 15.01 -8.10
C LYS A 51 -11.34 13.86 -7.59
N HIS A 52 -10.84 13.21 -6.55
CA HIS A 52 -11.45 11.98 -6.04
C HIS A 52 -11.41 11.97 -4.51
N TYR A 53 -12.56 11.74 -3.91
CA TYR A 53 -12.68 11.68 -2.45
C TYR A 53 -13.31 10.36 -2.03
N TRP A 54 -12.77 9.75 -0.97
CA TRP A 54 -13.42 8.61 -0.34
C TRP A 54 -13.15 8.62 1.16
N GLU A 55 -13.87 7.80 1.90
CA GLU A 55 -13.76 7.76 3.35
C GLU A 55 -13.55 6.35 3.84
N VAL A 56 -12.64 6.18 4.80
CA VAL A 56 -12.35 4.88 5.35
C VAL A 56 -12.67 4.86 6.84
N ASP A 57 -13.53 3.94 7.24
CA ASP A 57 -13.87 3.72 8.64
C ASP A 57 -12.81 2.83 9.25
N VAL A 58 -12.16 3.34 10.30
CA VAL A 58 -11.12 2.58 11.00
C VAL A 58 -11.47 2.42 12.48
N SER A 59 -12.76 2.42 12.77
CA SER A 59 -13.24 2.26 14.14
C SER A 59 -12.64 1.04 14.85
N LYS A 60 -12.14 1.27 16.06
CA LYS A 60 -11.61 0.20 16.92
C LYS A 60 -10.33 -0.46 16.43
N LYS A 61 -9.80 -0.01 15.29
CA LYS A 61 -8.54 -0.57 14.80
C LYS A 61 -7.36 0.00 15.57
N SER A 62 -6.39 -0.86 15.89
CA SER A 62 -5.20 -0.43 16.61
C SER A 62 -4.04 -0.15 15.66
N ALA A 63 -4.24 -0.46 14.37
CA ALA A 63 -3.17 -0.30 13.40
C ALA A 63 -3.73 -0.29 11.98
N TRP A 64 -3.13 0.53 11.12
CA TRP A 64 -3.48 0.57 9.70
C TRP A 64 -2.55 1.47 8.89
N ILE A 65 -2.64 1.35 7.58
CA ILE A 65 -1.99 2.27 6.66
C ILE A 65 -3.06 2.63 5.66
N LEU A 66 -3.14 3.89 5.29
CA LEU A 66 -4.06 4.27 4.23
C LEU A 66 -3.58 5.49 3.45
N GLY A 67 -4.05 5.59 2.21
CA GLY A 67 -3.71 6.72 1.38
C GLY A 67 -3.85 6.35 -0.08
N VAL A 68 -2.78 6.60 -0.83
CA VAL A 68 -2.77 6.49 -2.28
C VAL A 68 -1.46 5.81 -2.68
N CYS A 69 -1.53 4.97 -3.71
CA CYS A 69 -0.41 4.15 -4.12
C CYS A 69 -0.41 4.06 -5.64
N ALA A 70 0.76 4.14 -6.26
CA ALA A 70 0.85 3.94 -7.70
C ALA A 70 1.01 2.47 -8.08
N GLY A 71 0.77 1.57 -7.13
CA GLY A 71 0.85 0.14 -7.41
C GLY A 71 1.98 -0.61 -6.72
N PHE A 72 2.01 -1.93 -6.91
CA PHE A 72 3.01 -2.78 -6.26
C PHE A 72 4.19 -3.09 -7.18
N GLN A 73 4.35 -2.33 -8.25
CA GLN A 73 5.41 -2.60 -9.23
C GLN A 73 6.82 -2.52 -8.64
N SER A 74 7.03 -1.60 -7.70
CA SER A 74 8.35 -1.38 -7.13
C SER A 74 8.48 -1.98 -5.73
N ASP A 75 7.57 -2.90 -5.39
CA ASP A 75 7.53 -3.50 -4.08
C ASP A 75 8.71 -4.42 -3.81
N ALA A 76 9.11 -5.17 -4.83
CA ALA A 76 10.20 -6.13 -4.69
C ALA A 76 11.56 -5.45 -4.50
N MET A 77 11.83 -4.43 -5.31
CA MET A 77 13.16 -3.83 -5.32
C MET A 77 13.54 -3.20 -3.97
N TYR A 78 12.55 -2.68 -3.27
CA TYR A 78 12.82 -2.02 -1.98
C TYR A 78 12.10 -2.73 -0.84
N ASN A 79 11.64 -3.96 -1.13
CA ASN A 79 10.92 -4.79 -0.16
C ASN A 79 9.89 -3.98 0.60
N ILE A 80 9.00 -3.33 -0.14
CA ILE A 80 8.13 -2.31 0.43
C ILE A 80 7.12 -2.87 1.40
N GLU A 81 6.24 -3.76 0.93
CA GLU A 81 5.21 -4.30 1.78
C GLU A 81 5.80 -5.13 2.91
N GLN A 82 6.87 -5.85 2.60
CA GLN A 82 7.51 -6.73 3.57
C GLN A 82 8.06 -5.93 4.76
N ASN A 83 8.66 -4.78 4.48
CA ASN A 83 9.28 -3.97 5.52
C ASN A 83 8.62 -2.61 5.75
N GLU A 84 7.39 -2.47 5.25
CA GLU A 84 6.66 -1.21 5.38
C GLU A 84 7.51 -0.03 4.95
N ASN A 85 8.16 -0.17 3.79
CA ASN A 85 9.06 0.87 3.28
C ASN A 85 8.32 1.82 2.36
N TYR A 86 7.22 2.39 2.86
CA TYR A 86 6.37 3.27 2.06
C TYR A 86 7.01 4.65 1.94
N GLN A 87 7.23 5.08 0.70
CA GLN A 87 7.83 6.38 0.42
C GLN A 87 7.21 6.95 -0.83
N PRO A 88 7.00 8.28 -0.86
CA PRO A 88 6.53 8.94 -2.07
C PRO A 88 7.38 8.60 -3.30
N LYS A 89 8.69 8.52 -3.14
CA LYS A 89 9.56 8.19 -4.26
C LYS A 89 9.30 6.79 -4.83
N TYR A 90 8.65 5.93 -4.04
CA TYR A 90 8.32 4.58 -4.50
C TYR A 90 6.83 4.48 -4.83
N GLY A 91 6.18 5.64 -4.91
CA GLY A 91 4.77 5.68 -5.27
C GLY A 91 3.77 5.46 -4.15
N TYR A 92 4.14 5.80 -2.92
CA TYR A 92 3.19 5.73 -1.81
C TYR A 92 3.04 7.08 -1.14
N TRP A 93 1.79 7.52 -0.97
CA TRP A 93 1.47 8.71 -0.20
C TRP A 93 0.50 8.28 0.88
N VAL A 94 1.04 7.89 2.04
CA VAL A 94 0.23 7.23 3.05
C VAL A 94 0.55 7.73 4.46
N ILE A 95 -0.46 7.64 5.32
CA ILE A 95 -0.29 7.82 6.75
C ILE A 95 -0.64 6.52 7.44
N GLY A 96 -0.24 6.37 8.70
CA GLY A 96 -0.48 5.13 9.40
C GLY A 96 -0.68 5.26 10.89
N LEU A 97 -1.21 4.21 11.48
CA LEU A 97 -1.39 4.12 12.91
C LEU A 97 -0.77 2.81 13.38
N GLN A 98 -0.13 2.86 14.55
CA GLN A 98 0.34 1.63 15.20
C GLN A 98 0.10 1.74 16.69
N GLU A 99 0.04 0.58 17.35
CA GLU A 99 -0.04 0.51 18.81
C GLU A 99 -1.18 1.34 19.39
N GLY A 100 -2.24 1.51 18.61
CA GLY A 100 -3.44 2.16 19.09
C GLY A 100 -3.43 3.68 19.05
N VAL A 101 -2.28 4.29 19.34
CA VAL A 101 -2.23 5.74 19.48
C VAL A 101 -1.06 6.44 18.79
N LYS A 102 -0.23 5.70 18.07
CA LYS A 102 0.91 6.31 17.39
C LYS A 102 0.66 6.54 15.90
N TYR A 103 0.33 7.78 15.54
CA TYR A 103 0.07 8.12 14.14
C TYR A 103 1.32 8.72 13.49
N SER A 104 1.56 8.37 12.23
CA SER A 104 2.74 8.81 11.51
C SER A 104 2.43 9.07 10.06
N VAL A 105 3.27 9.88 9.40
CA VAL A 105 3.21 10.01 7.96
C VAL A 105 4.50 9.42 7.41
N PHE A 106 4.41 8.74 6.28
CA PHE A 106 5.57 8.10 5.66
C PHE A 106 6.19 9.00 4.60
N GLN A 107 7.43 9.40 4.81
CA GLN A 107 8.10 10.30 3.90
CA GLN A 107 8.09 10.31 3.91
C GLN A 107 9.34 9.67 3.27
N ASP A 108 9.87 10.31 2.24
CA ASP A 108 11.10 9.84 1.60
C ASP A 108 12.23 9.78 2.62
N GLY A 109 12.97 8.67 2.59
CA GLY A 109 14.14 8.52 3.45
C GLY A 109 15.43 8.65 2.67
N SER A 110 16.55 8.73 3.39
CA SER A 110 17.85 8.85 2.78
C SER A 110 18.16 7.69 1.82
N SER A 111 18.69 8.00 0.64
CA SER A 111 19.08 6.95 -0.29
C SER A 111 20.28 6.15 0.25
N HIS A 112 20.91 6.64 1.31
CA HIS A 112 21.99 5.89 1.94
C HIS A 112 21.45 4.71 2.75
N THR A 113 20.17 4.77 3.06
CA THR A 113 19.47 3.67 3.73
C THR A 113 18.12 3.47 3.04
N PRO A 114 18.14 3.02 1.77
CA PRO A 114 16.95 3.04 0.92
C PRO A 114 15.88 2.01 1.28
N PHE A 115 16.15 1.12 2.23
CA PHE A 115 15.17 0.11 2.61
C PHE A 115 14.32 0.51 3.82
N ALA A 116 14.52 1.74 4.30
CA ALA A 116 13.73 2.25 5.42
C ALA A 116 13.22 3.65 5.12
N PRO A 117 11.93 3.89 5.41
CA PRO A 117 11.39 5.22 5.14
C PRO A 117 11.74 6.20 6.25
N PHE A 118 11.36 7.45 6.06
CA PHE A 118 11.50 8.44 7.10
C PHE A 118 10.11 8.66 7.69
N ILE A 119 9.93 8.19 8.91
CA ILE A 119 8.62 8.16 9.55
C ILE A 119 8.49 9.36 10.46
N VAL A 120 7.47 10.18 10.21
CA VAL A 120 7.30 11.42 10.95
C VAL A 120 6.04 11.34 11.81
N PRO A 121 6.17 11.55 13.12
CA PRO A 121 5.00 11.47 13.98
C PRO A 121 3.97 12.55 13.66
N LEU A 122 2.70 12.18 13.68
CA LEU A 122 1.62 13.15 13.55
C LEU A 122 1.09 13.47 14.93
N SER A 123 0.72 14.72 15.16
CA SER A 123 0.10 15.10 16.41
C SER A 123 -1.42 14.94 16.29
N VAL A 124 -1.93 13.83 16.81
CA VAL A 124 -3.35 13.55 16.77
C VAL A 124 -3.93 13.63 18.18
N ILE A 125 -4.90 14.53 18.37
CA ILE A 125 -5.51 14.73 19.67
C ILE A 125 -6.82 13.96 19.76
N ILE A 126 -7.68 14.14 18.76
CA ILE A 126 -8.92 13.40 18.66
C ILE A 126 -8.72 12.24 17.69
N CYS A 127 -8.68 11.02 18.22
CA CYS A 127 -8.45 9.84 17.39
C CYS A 127 -9.55 9.67 16.34
N PRO A 128 -9.15 9.53 15.06
CA PRO A 128 -10.16 9.38 14.01
C PRO A 128 -10.80 7.99 13.99
N ASP A 129 -12.13 7.95 13.95
CA ASP A 129 -12.85 6.71 13.70
C ASP A 129 -12.98 6.56 12.20
N ARG A 130 -12.84 7.69 11.50
CA ARG A 130 -13.00 7.72 10.05
C ARG A 130 -12.06 8.75 9.46
N VAL A 131 -11.44 8.39 8.34
CA VAL A 131 -10.48 9.27 7.68
C VAL A 131 -10.93 9.52 6.24
N GLY A 132 -10.98 10.79 5.85
CA GLY A 132 -11.29 11.13 4.48
C GLY A 132 -10.01 11.28 3.67
N VAL A 133 -10.01 10.76 2.44
CA VAL A 133 -8.81 10.85 1.60
C VAL A 133 -9.19 11.58 0.31
N PHE A 134 -8.42 12.59 -0.06
CA PHE A 134 -8.77 13.42 -1.20
C PHE A 134 -7.57 13.59 -2.10
N VAL A 135 -7.70 13.10 -3.33
CA VAL A 135 -6.67 13.26 -4.33
C VAL A 135 -7.09 14.29 -5.37
N ASP A 136 -6.25 15.30 -5.56
CA ASP A 136 -6.41 16.23 -6.66
C ASP A 136 -5.27 15.91 -7.60
N TYR A 137 -5.57 15.15 -8.65
CA TYR A 137 -4.54 14.65 -9.55
C TYR A 137 -3.87 15.77 -10.34
N GLU A 138 -4.66 16.75 -10.75
CA GLU A 138 -4.11 17.88 -11.50
C GLU A 138 -3.17 18.72 -10.64
N ALA A 139 -3.57 18.97 -9.39
CA ALA A 139 -2.78 19.76 -8.46
C ALA A 139 -1.64 18.97 -7.84
N CYS A 140 -1.69 17.64 -7.99
CA CYS A 140 -0.72 16.73 -7.39
C CYS A 140 -0.69 16.81 -5.87
N THR A 141 -1.85 16.65 -5.25
CA THR A 141 -1.93 16.65 -3.79
C THR A 141 -2.75 15.46 -3.30
N VAL A 142 -2.42 15.01 -2.10
CA VAL A 142 -3.19 13.99 -1.40
C VAL A 142 -3.46 14.51 0.00
N SER A 143 -4.74 14.63 0.36
CA SER A 143 -5.11 15.20 1.66
C SER A 143 -5.83 14.17 2.52
N PHE A 144 -5.59 14.24 3.83
CA PHE A 144 -6.22 13.34 4.79
C PHE A 144 -7.00 14.18 5.79
N PHE A 145 -8.28 13.86 5.98
CA PHE A 145 -9.14 14.60 6.88
C PHE A 145 -9.62 13.75 8.05
N ASN A 146 -9.60 14.33 9.25
CA ASN A 146 -10.10 13.66 10.43
C ASN A 146 -11.61 13.90 10.56
N ILE A 147 -12.39 12.92 10.11
CA ILE A 147 -13.84 13.10 10.07
C ILE A 147 -14.38 13.25 11.48
N THR A 148 -13.75 12.57 12.42
CA THR A 148 -14.18 12.60 13.82
C THR A 148 -13.92 13.96 14.45
N ASN A 149 -12.88 14.63 13.96
CA ASN A 149 -12.49 15.95 14.48
C ASN A 149 -12.90 17.06 13.52
N HIS A 150 -14.20 17.20 13.30
CA HIS A 150 -14.75 18.29 12.50
C HIS A 150 -14.17 18.36 11.08
N GLY A 151 -13.57 17.27 10.63
CA GLY A 151 -13.02 17.20 9.29
C GLY A 151 -11.74 17.98 9.11
N PHE A 152 -11.09 18.32 10.22
CA PHE A 152 -9.82 19.04 10.15
C PHE A 152 -8.73 18.22 9.44
N LEU A 153 -7.91 18.92 8.66
CA LEU A 153 -6.81 18.28 7.94
C LEU A 153 -5.80 17.62 8.88
N ILE A 154 -5.47 16.36 8.61
CA ILE A 154 -4.43 15.63 9.33
C ILE A 154 -3.08 15.88 8.68
N TYR A 155 -3.04 15.74 7.36
CA TYR A 155 -1.81 15.89 6.60
C TYR A 155 -2.13 16.07 5.13
N LYS A 156 -1.26 16.78 4.43
CA LYS A 156 -1.38 16.94 2.99
C LYS A 156 -0.03 16.76 2.32
N PHE A 157 0.04 15.83 1.36
CA PHE A 157 1.22 15.68 0.51
C PHE A 157 1.05 16.64 -0.64
N SER A 158 2.06 17.48 -0.90
CA SER A 158 2.01 18.36 -2.06
C SER A 158 3.10 18.01 -3.06
N GLN A 159 2.98 18.56 -4.27
CA GLN A 159 3.94 18.31 -5.33
C GLN A 159 4.19 16.82 -5.52
N CYS A 160 3.12 16.03 -5.55
CA CYS A 160 3.23 14.60 -5.74
C CYS A 160 3.66 14.27 -7.17
N SER A 161 4.50 13.25 -7.31
CA SER A 161 4.99 12.86 -8.62
C SER A 161 3.96 11.98 -9.32
N PHE A 162 2.93 12.61 -9.85
CA PHE A 162 1.83 11.88 -10.48
C PHE A 162 2.07 11.64 -11.97
N SER A 163 3.12 10.90 -12.29
CA SER A 163 3.46 10.55 -13.68
C SER A 163 2.85 9.22 -14.09
N LYS A 164 2.26 8.54 -13.10
CA LYS A 164 1.68 7.23 -13.30
C LYS A 164 0.28 7.19 -12.70
N PRO A 165 -0.53 6.21 -13.11
CA PRO A 165 -1.84 6.03 -12.49
C PRO A 165 -1.68 5.78 -10.99
N VAL A 166 -2.60 6.30 -10.19
CA VAL A 166 -2.59 6.01 -8.77
C VAL A 166 -3.91 5.41 -8.31
N PHE A 167 -3.91 4.82 -7.12
CA PHE A 167 -5.05 4.06 -6.62
C PHE A 167 -5.27 4.32 -5.13
N PRO A 168 -6.51 4.27 -4.67
CA PRO A 168 -6.74 4.20 -3.22
C PRO A 168 -5.94 3.03 -2.65
N TYR A 169 -5.33 3.24 -1.48
CA TYR A 169 -4.54 2.19 -0.84
C TYR A 169 -5.04 1.98 0.59
N LEU A 170 -5.29 0.72 0.96
CA LEU A 170 -5.71 0.37 2.32
C LEU A 170 -4.85 -0.77 2.81
N ASN A 171 -4.52 -0.78 4.09
CA ASN A 171 -3.76 -1.87 4.68
C ASN A 171 -4.17 -2.05 6.15
N PRO A 172 -4.84 -3.16 6.47
CA PRO A 172 -5.32 -3.39 7.84
C PRO A 172 -4.19 -3.70 8.83
N ARG A 173 -2.98 -3.92 8.31
CA ARG A 173 -1.75 -3.93 9.12
C ARG A 173 -1.74 -4.84 10.36
N LYS A 174 -2.07 -6.10 10.18
CA LYS A 174 -2.00 -7.08 11.28
C LYS A 174 -3.08 -6.92 12.35
N CYS A 175 -3.78 -5.80 12.34
CA CYS A 175 -4.94 -5.62 13.19
C CYS A 175 -6.13 -6.32 12.54
N THR A 176 -6.78 -7.20 13.29
CA THR A 176 -7.83 -8.06 12.74
C THR A 176 -9.19 -7.38 12.60
N VAL A 177 -9.30 -6.15 13.10
CA VAL A 177 -10.53 -5.40 12.94
C VAL A 177 -10.62 -4.91 11.48
N PRO A 178 -11.78 -5.11 10.83
CA PRO A 178 -11.85 -4.68 9.43
C PRO A 178 -11.80 -3.16 9.27
N MET A 179 -11.28 -2.71 8.13
CA MET A 179 -11.46 -1.31 7.75
C MET A 179 -12.40 -1.28 6.55
N THR A 180 -13.20 -0.24 6.49
CA THR A 180 -14.34 -0.23 5.59
C THR A 180 -14.42 1.04 4.79
N LEU A 181 -14.75 0.90 3.51
CA LEU A 181 -15.03 2.05 2.66
C LEU A 181 -16.47 2.48 2.85
N CYS A 182 -16.68 3.72 3.28
CA CYS A 182 -18.01 4.24 3.55
C CYS A 182 -18.65 4.81 2.29
N SER A 183 -19.98 4.83 2.26
CA SER A 183 -20.67 5.49 1.16
C SER A 183 -21.19 6.86 1.55
N PRO A 184 -21.40 7.75 0.56
CA PRO A 184 -21.22 7.50 -0.88
C PRO A 184 -19.78 7.16 -1.28
#